data_7KNN
#
_entry.id   7KNN
#
_entity_poly.entity_id   1
_entity_poly.type   'polypeptide(L)'
_entity_poly.pdbx_seq_one_letter_code
;G(ABA)CSDPR(ABA)NYDHPEIC
;
_entity_poly.pdbx_strand_id   A
#
# COMPACT_ATOMS: atom_id res chain seq x y z
N GLY A 1 -2.83 3.35 8.44
CA GLY A 1 -1.93 2.59 7.56
C GLY A 1 -2.67 1.97 6.40
N ABA A 2 -2.00 1.10 5.66
CA ABA A 2 -2.61 0.48 4.53
C ABA A 2 -1.99 -0.88 4.24
O ABA A 2 -2.33 -1.50 3.26
CB ABA A 2 -2.46 1.38 3.27
CG ABA A 2 -1.66 0.63 2.29
H ABA A 2 -1.08 0.86 5.89
HA ABA A 2 -3.65 0.36 4.74
HB3 ABA A 2 -3.44 1.56 2.92
HB2 ABA A 2 -1.98 2.30 3.54
N CYS A 3 -1.08 -1.33 5.11
CA CYS A 3 -0.43 -2.60 4.91
C CYS A 3 -1.41 -3.75 5.11
N SER A 4 -2.36 -3.52 5.96
CA SER A 4 -3.44 -4.47 6.22
C SER A 4 -4.38 -4.56 5.01
N ASP A 5 -4.20 -3.66 4.07
CA ASP A 5 -5.05 -3.53 2.92
C ASP A 5 -4.30 -3.91 1.64
N PRO A 6 -4.97 -4.59 0.69
CA PRO A 6 -4.36 -4.90 -0.61
C PRO A 6 -4.26 -3.64 -1.51
N ARG A 7 -4.49 -2.48 -0.91
CA ARG A 7 -4.43 -1.22 -1.60
C ARG A 7 -3.00 -0.75 -1.74
N ABA A 8 -2.16 -1.12 -0.78
CA ABA A 8 -0.76 -0.78 -0.82
C ABA A 8 -0.03 -1.82 -1.65
O ABA A 8 -0.35 -3.03 -1.60
CB ABA A 8 -0.16 -0.77 0.58
CG ABA A 8 -0.98 -0.01 1.52
H ABA A 8 -2.50 -1.63 -0.03
HA ABA A 8 -0.64 0.18 -1.27
HB3 ABA A 8 -0.14 -1.80 0.93
HB2 ABA A 8 0.84 -0.41 0.60
N ASN A 9 0.95 -1.39 -2.41
CA ASN A 9 1.71 -2.26 -3.23
C ASN A 9 3.00 -1.59 -3.60
N TYR A 10 3.74 -2.21 -4.48
CA TYR A 10 5.03 -1.72 -4.91
C TYR A 10 4.83 -0.79 -6.08
N ASP A 11 3.62 -0.84 -6.59
CA ASP A 11 3.18 -0.01 -7.71
C ASP A 11 2.80 1.36 -7.20
N HIS A 12 2.60 1.44 -5.91
CA HIS A 12 2.18 2.67 -5.27
C HIS A 12 3.09 2.99 -4.09
N PRO A 13 4.16 3.74 -4.34
CA PRO A 13 5.11 4.14 -3.29
C PRO A 13 4.51 5.15 -2.32
N GLU A 14 3.27 5.55 -2.61
CA GLU A 14 2.55 6.52 -1.80
C GLU A 14 1.86 5.84 -0.61
N ILE A 15 1.60 4.54 -0.76
CA ILE A 15 0.91 3.79 0.28
C ILE A 15 1.93 3.08 1.18
N CYS A 16 1.47 2.06 1.91
CA CYS A 16 2.33 1.32 2.83
C CYS A 16 3.31 0.46 2.05
N GLY A 1 -1.38 2.86 8.56
CA GLY A 1 -0.83 2.29 7.31
C GLY A 1 -1.87 1.53 6.53
N ABA A 2 -1.60 1.25 5.28
CA ABA A 2 -2.55 0.56 4.43
C ABA A 2 -2.08 -0.85 4.23
O ABA A 2 -2.64 -1.57 3.43
CB ABA A 2 -2.66 1.24 3.06
CG ABA A 2 -1.86 0.49 2.10
H ABA A 2 -0.72 1.47 4.90
HA ABA A 2 -3.51 0.56 4.92
HB3 ABA A 2 -3.69 1.22 2.75
HB2 ABA A 2 -2.31 2.25 3.13
N CYS A 3 -1.04 -1.23 4.96
CA CYS A 3 -0.43 -2.52 4.76
C CYS A 3 -1.40 -3.65 5.05
N SER A 4 -2.27 -3.41 5.98
CA SER A 4 -3.29 -4.38 6.37
C SER A 4 -4.38 -4.51 5.29
N ASP A 5 -4.35 -3.62 4.31
CA ASP A 5 -5.36 -3.61 3.25
C ASP A 5 -4.69 -3.86 1.89
N PRO A 6 -5.39 -4.51 0.96
CA PRO A 6 -4.84 -4.88 -0.36
C PRO A 6 -4.63 -3.69 -1.33
N ARG A 7 -4.87 -2.46 -0.87
CA ARG A 7 -4.72 -1.30 -1.72
C ARG A 7 -3.25 -0.92 -1.93
N ABA A 8 -2.42 -1.22 -0.95
CA ABA A 8 -1.02 -0.90 -1.03
C ABA A 8 -0.30 -1.89 -1.91
O ABA A 8 -0.66 -3.07 -1.96
CB ABA A 8 -0.39 -0.93 0.37
CG ABA A 8 -1.20 -0.15 1.31
H ABA A 8 -2.77 -1.66 -0.16
HA ABA A 8 -0.92 0.09 -1.44
HB3 ABA A 8 -0.33 -1.95 0.71
HB2 ABA A 8 0.60 -0.52 0.32
N ASN A 9 0.71 -1.42 -2.62
CA ASN A 9 1.48 -2.25 -3.49
C ASN A 9 2.86 -1.62 -3.63
N TYR A 10 3.70 -2.27 -4.37
CA TYR A 10 5.09 -1.85 -4.53
C TYR A 10 5.21 -0.87 -5.67
N ASP A 11 4.14 -0.80 -6.44
CA ASP A 11 4.07 0.11 -7.57
C ASP A 11 3.62 1.48 -7.10
N HIS A 12 3.13 1.53 -5.87
CA HIS A 12 2.57 2.75 -5.33
C HIS A 12 3.24 3.11 -4.01
N PRO A 13 4.29 3.91 -4.07
CA PRO A 13 5.05 4.35 -2.88
C PRO A 13 4.22 5.26 -1.98
N GLU A 14 3.08 5.71 -2.49
CA GLU A 14 2.21 6.60 -1.73
C GLU A 14 1.36 5.81 -0.74
N ILE A 15 1.22 4.51 -0.97
CA ILE A 15 0.52 3.68 -0.04
C ILE A 15 1.54 3.03 0.89
N CYS A 16 1.12 2.03 1.63
CA CYS A 16 2.04 1.36 2.56
C CYS A 16 3.05 0.53 1.78
N GLY A 1 -1.69 2.63 8.69
CA GLY A 1 -1.14 2.21 7.38
C GLY A 1 -2.16 1.41 6.61
N ABA A 2 -1.96 1.31 5.29
CA ABA A 2 -2.88 0.59 4.44
C ABA A 2 -2.39 -0.81 4.32
O ABA A 2 -2.94 -1.61 3.59
CB ABA A 2 -2.97 1.24 3.05
CG ABA A 2 -2.01 0.60 2.14
H ABA A 2 -1.15 1.67 4.89
HA ABA A 2 -3.85 0.60 4.91
HB3 ABA A 2 -3.96 1.10 2.65
HB2 ABA A 2 -2.73 2.29 3.13
N CYS A 3 -1.33 -1.08 5.04
CA CYS A 3 -0.63 -2.34 4.98
C CYS A 3 -1.54 -3.54 5.26
N SER A 4 -2.55 -3.29 6.05
CA SER A 4 -3.50 -4.31 6.45
C SER A 4 -4.33 -4.82 5.25
N ASP A 5 -4.50 -3.97 4.24
CA ASP A 5 -5.34 -4.29 3.10
C ASP A 5 -4.52 -4.20 1.80
N PRO A 6 -4.90 -4.95 0.74
CA PRO A 6 -4.18 -4.97 -0.55
C PRO A 6 -4.31 -3.66 -1.37
N ARG A 7 -4.52 -2.54 -0.70
CA ARG A 7 -4.62 -1.26 -1.36
C ARG A 7 -3.23 -0.74 -1.68
N ABA A 8 -2.31 -0.98 -0.76
CA ABA A 8 -0.93 -0.62 -0.91
C ABA A 8 -0.23 -1.65 -1.79
O ABA A 8 -0.56 -2.83 -1.74
CB ABA A 8 -0.28 -0.58 0.47
CG ABA A 8 -1.22 0.09 1.39
H ABA A 8 -2.58 -1.42 0.06
HA ABA A 8 -0.87 0.35 -1.37
HB3 ABA A 8 -0.07 -1.58 0.81
HB2 ABA A 8 0.65 -0.02 0.42
N ASN A 9 0.72 -1.20 -2.60
CA ASN A 9 1.41 -2.07 -3.50
C ASN A 9 2.79 -1.50 -3.76
N TYR A 10 3.56 -2.21 -4.53
CA TYR A 10 4.93 -1.85 -4.85
C TYR A 10 4.96 -0.90 -6.03
N ASP A 11 3.84 -0.82 -6.70
CA ASP A 11 3.66 0.09 -7.82
C ASP A 11 3.27 1.46 -7.29
N HIS A 12 2.92 1.49 -6.03
CA HIS A 12 2.46 2.71 -5.39
C HIS A 12 3.25 2.98 -4.12
N PRO A 13 4.37 3.69 -4.25
CA PRO A 13 5.25 4.04 -3.14
C PRO A 13 4.62 5.08 -2.21
N GLU A 14 3.45 5.56 -2.58
CA GLU A 14 2.75 6.56 -1.82
C GLU A 14 1.85 5.91 -0.76
N ILE A 15 1.61 4.60 -0.91
CA ILE A 15 0.81 3.88 0.05
C ILE A 15 1.73 3.25 1.11
N CYS A 16 1.20 2.30 1.85
CA CYS A 16 1.96 1.65 2.91
C CYS A 16 3.06 0.78 2.30
N GLY A 1 -1.20 1.74 9.07
CA GLY A 1 -0.99 2.02 7.63
C GLY A 1 -2.00 1.29 6.78
N ABA A 2 -1.75 1.24 5.48
CA ABA A 2 -2.65 0.59 4.55
C ABA A 2 -2.10 -0.77 4.24
O ABA A 2 -2.61 -1.47 3.39
CB ABA A 2 -2.73 1.37 3.24
CG ABA A 2 -1.81 0.73 2.30
H ABA A 2 -0.90 1.59 5.13
HA ABA A 2 -3.63 0.51 5.00
HB3 ABA A 2 -3.74 1.35 2.86
HB2 ABA A 2 -2.43 2.39 3.42
N CYS A 3 -1.02 -1.12 4.93
CA CYS A 3 -0.27 -2.31 4.63
C CYS A 3 -1.13 -3.58 4.70
N SER A 4 -2.10 -3.55 5.56
CA SER A 4 -3.02 -4.67 5.76
C SER A 4 -3.99 -4.81 4.57
N ASP A 5 -4.11 -3.76 3.80
CA ASP A 5 -5.05 -3.69 2.70
C ASP A 5 -4.33 -3.76 1.36
N PRO A 6 -4.89 -4.49 0.37
CA PRO A 6 -4.29 -4.62 -0.98
C PRO A 6 -4.26 -3.28 -1.76
N ARG A 7 -4.45 -2.18 -1.05
CA ARG A 7 -4.38 -0.87 -1.63
C ARG A 7 -2.92 -0.45 -1.76
N ABA A 8 -2.13 -0.83 -0.77
CA ABA A 8 -0.71 -0.56 -0.78
C ABA A 8 -0.02 -1.66 -1.55
O ABA A 8 -0.42 -2.82 -1.48
CB ABA A 8 -0.16 -0.52 0.64
CG ABA A 8 -1.08 0.18 1.53
H ABA A 8 -2.52 -1.32 -0.02
HA ABA A 8 -0.54 0.39 -1.27
HB3 ABA A 8 -0.01 -1.53 1.00
HB2 ABA A 8 0.80 0.00 0.64
N ASN A 9 1.01 -1.31 -2.28
CA ASN A 9 1.72 -2.29 -3.04
C ASN A 9 3.06 -1.73 -3.43
N TYR A 10 3.73 -2.41 -4.31
CA TYR A 10 5.04 -2.02 -4.78
C TYR A 10 4.86 -1.09 -5.96
N ASP A 11 3.68 -1.15 -6.54
CA ASP A 11 3.30 -0.30 -7.63
C ASP A 11 2.72 1.00 -7.09
N HIS A 12 2.52 1.04 -5.78
CA HIS A 12 2.00 2.23 -5.11
C HIS A 12 2.82 2.50 -3.85
N PRO A 13 3.97 3.14 -3.99
CA PRO A 13 4.86 3.44 -2.86
C PRO A 13 4.34 4.62 -2.02
N GLU A 14 3.27 5.21 -2.48
CA GLU A 14 2.69 6.37 -1.83
C GLU A 14 1.61 5.98 -0.82
N ILE A 15 1.27 4.70 -0.77
CA ILE A 15 0.22 4.25 0.12
C ILE A 15 0.75 4.00 1.56
N CYS A 16 1.03 2.73 1.91
CA CYS A 16 1.53 2.41 3.24
C CYS A 16 3.03 2.69 3.34
N GLY A 1 -1.71 3.72 7.65
CA GLY A 1 -1.09 3.00 6.53
C GLY A 1 -2.10 2.23 5.74
N ABA A 2 -1.68 1.18 5.08
CA ABA A 2 -2.56 0.35 4.32
C ABA A 2 -1.96 -1.03 4.10
O ABA A 2 -2.40 -1.77 3.25
CB ABA A 2 -2.82 0.99 2.97
CG ABA A 2 -1.97 0.34 1.98
H ABA A 2 -0.73 0.93 5.10
HA ABA A 2 -3.49 0.26 4.85
HB3 ABA A 2 -3.84 0.84 2.71
HB2 ABA A 2 -2.60 2.04 3.01
N CYS A 3 -0.95 -1.35 4.89
CA CYS A 3 -0.25 -2.63 4.75
C CYS A 3 -1.17 -3.79 5.07
N SER A 4 -2.09 -3.52 5.95
CA SER A 4 -3.08 -4.49 6.37
C SER A 4 -4.17 -4.68 5.30
N ASP A 5 -4.17 -3.81 4.30
CA ASP A 5 -5.20 -3.81 3.27
C ASP A 5 -4.58 -4.03 1.89
N PRO A 6 -5.34 -4.63 0.95
CA PRO A 6 -4.83 -4.91 -0.41
C PRO A 6 -4.79 -3.66 -1.30
N ARG A 7 -4.92 -2.49 -0.71
CA ARG A 7 -4.91 -1.25 -1.45
C ARG A 7 -3.49 -0.83 -1.82
N ABA A 8 -2.55 -1.19 -0.97
CA ABA A 8 -1.16 -0.86 -1.15
C ABA A 8 -0.50 -1.84 -2.11
O ABA A 8 -0.98 -2.96 -2.31
CB ABA A 8 -0.46 -0.92 0.19
CG ABA A 8 -1.27 -0.22 1.18
H ABA A 8 -2.80 -1.69 -0.18
HA ABA A 8 -1.09 0.13 -1.55
HB3 ABA A 8 -0.34 -1.95 0.49
HB2 ABA A 8 0.51 -0.44 0.12
N ASN A 9 0.59 -1.41 -2.70
CA ASN A 9 1.34 -2.21 -3.61
C ASN A 9 2.73 -1.60 -3.69
N TYR A 10 3.60 -2.25 -4.41
CA TYR A 10 4.98 -1.83 -4.53
C TYR A 10 5.12 -0.84 -5.67
N ASP A 11 4.08 -0.75 -6.46
CA ASP A 11 4.02 0.19 -7.55
C ASP A 11 3.46 1.52 -7.06
N HIS A 12 3.07 1.54 -5.80
CA HIS A 12 2.51 2.72 -5.19
C HIS A 12 3.23 3.06 -3.90
N PRO A 13 4.28 3.87 -3.99
CA PRO A 13 5.08 4.28 -2.84
C PRO A 13 4.30 5.18 -1.87
N GLU A 14 3.17 5.68 -2.34
CA GLU A 14 2.33 6.54 -1.53
C GLU A 14 1.57 5.72 -0.49
N ILE A 15 1.37 4.44 -0.75
CA ILE A 15 0.69 3.59 0.19
C ILE A 15 1.72 2.86 1.04
N CYS A 16 1.26 2.04 1.97
CA CYS A 16 2.16 1.32 2.85
C CYS A 16 2.88 0.22 2.09
N GLY A 1 -2.20 2.81 9.01
CA GLY A 1 -1.60 2.44 7.71
C GLY A 1 -2.54 1.65 6.85
N ABA A 2 -2.15 1.39 5.60
CA ABA A 2 -2.98 0.64 4.68
C ABA A 2 -2.37 -0.73 4.45
O ABA A 2 -2.85 -1.48 3.63
CB ABA A 2 -3.01 1.34 3.32
CG ABA A 2 -2.05 0.66 2.47
H ABA A 2 -1.25 1.67 5.30
HA ABA A 2 -3.98 0.56 5.07
HB3 ABA A 2 -4.01 1.27 2.90
HB2 ABA A 2 -2.74 2.38 3.43
N CYS A 3 -1.32 -1.01 5.19
CA CYS A 3 -0.52 -2.21 4.95
C CYS A 3 -1.33 -3.50 4.94
N SER A 4 -2.33 -3.56 5.76
CA SER A 4 -3.19 -4.73 5.86
C SER A 4 -4.15 -4.86 4.66
N ASP A 5 -4.20 -3.83 3.81
CA ASP A 5 -5.11 -3.82 2.67
C ASP A 5 -4.32 -3.82 1.35
N PRO A 6 -4.84 -4.52 0.34
CA PRO A 6 -4.20 -4.65 -0.99
C PRO A 6 -4.05 -3.32 -1.75
N ARG A 7 -4.45 -2.21 -1.15
CA ARG A 7 -4.27 -0.90 -1.77
C ARG A 7 -2.83 -0.47 -1.70
N ABA A 8 -2.15 -0.91 -0.65
CA ABA A 8 -0.75 -0.66 -0.52
C ABA A 8 -0.01 -1.73 -1.28
O ABA A 8 -0.34 -2.92 -1.17
CB ABA A 8 -0.32 -0.68 0.94
CG ABA A 8 -1.28 0.05 1.76
H ABA A 8 -2.61 -1.42 0.05
HA ABA A 8 -0.53 0.30 -0.95
HB3 ABA A 8 -0.27 -1.71 1.27
HB2 ABA A 8 0.66 -0.24 1.03
N ASN A 9 0.98 -1.34 -2.04
CA ASN A 9 1.69 -2.28 -2.84
C ASN A 9 2.99 -1.66 -3.31
N TYR A 10 3.63 -2.33 -4.22
CA TYR A 10 4.91 -1.93 -4.73
C TYR A 10 4.72 -1.01 -5.92
N ASP A 11 3.54 -1.06 -6.48
CA ASP A 11 3.17 -0.25 -7.61
C ASP A 11 2.66 1.10 -7.13
N HIS A 12 2.51 1.23 -5.83
CA HIS A 12 2.00 2.45 -5.23
C HIS A 12 2.93 2.90 -4.12
N PRO A 13 3.93 3.70 -4.46
CA PRO A 13 4.94 4.18 -3.50
C PRO A 13 4.37 5.22 -2.53
N GLU A 14 3.09 5.55 -2.70
CA GLU A 14 2.43 6.52 -1.86
C GLU A 14 1.75 5.86 -0.66
N ILE A 15 1.60 4.54 -0.73
CA ILE A 15 0.96 3.79 0.34
C ILE A 15 2.01 3.11 1.20
N CYS A 16 1.59 2.12 1.97
CA CYS A 16 2.50 1.37 2.83
C CYS A 16 3.45 0.52 2.00
N GLY A 1 -3.12 1.84 9.02
CA GLY A 1 -2.11 1.66 7.97
C GLY A 1 -2.68 1.00 6.75
N ABA A 2 -2.03 1.16 5.60
CA ABA A 2 -2.54 0.64 4.36
C ABA A 2 -1.99 -0.73 4.18
O ABA A 2 -2.41 -1.48 3.34
CB ABA A 2 -2.13 1.50 3.18
CG ABA A 2 -1.46 0.66 2.20
H ABA A 2 -1.13 1.55 5.58
HA ABA A 2 -3.62 0.59 4.42
HB3 ABA A 2 -3.01 1.95 2.74
HB2 ABA A 2 -1.46 2.28 3.52
N CYS A 3 -1.01 -1.05 5.02
CA CYS A 3 -0.34 -2.30 4.93
C CYS A 3 -1.29 -3.44 5.21
N SER A 4 -2.27 -3.16 6.03
CA SER A 4 -3.29 -4.11 6.42
C SER A 4 -4.29 -4.35 5.27
N ASP A 5 -4.20 -3.55 4.21
CA ASP A 5 -5.14 -3.63 3.11
C ASP A 5 -4.41 -3.83 1.78
N PRO A 6 -5.04 -4.56 0.86
CA PRO A 6 -4.47 -4.83 -0.47
C PRO A 6 -4.39 -3.58 -1.36
N ARG A 7 -4.68 -2.40 -0.80
CA ARG A 7 -4.61 -1.17 -1.55
C ARG A 7 -3.16 -0.74 -1.75
N ABA A 8 -2.31 -1.14 -0.82
CA ABA A 8 -0.90 -0.85 -0.93
C ABA A 8 -0.24 -1.86 -1.87
O ABA A 8 -0.62 -3.03 -1.91
CB ABA A 8 -0.22 -0.91 0.42
CG ABA A 8 -0.89 -0.05 1.39
H ABA A 8 -2.63 -1.61 -0.04
HA ABA A 8 -0.80 0.14 -1.34
HB3 ABA A 8 -0.22 -1.93 0.79
HB2 ABA A 8 0.81 -0.59 0.31
N ASN A 9 0.75 -1.40 -2.60
CA ASN A 9 1.47 -2.20 -3.51
C ASN A 9 2.82 -1.53 -3.77
N TYR A 10 3.66 -2.20 -4.50
CA TYR A 10 5.01 -1.73 -4.76
C TYR A 10 5.02 -0.82 -5.97
N ASP A 11 3.91 -0.83 -6.68
CA ASP A 11 3.70 0.06 -7.84
C ASP A 11 3.23 1.41 -7.33
N HIS A 12 2.88 1.42 -6.05
CA HIS A 12 2.37 2.60 -5.41
C HIS A 12 3.22 2.96 -4.20
N PRO A 13 4.26 3.77 -4.43
CA PRO A 13 5.18 4.19 -3.35
C PRO A 13 4.53 5.18 -2.39
N GLU A 14 3.30 5.55 -2.70
CA GLU A 14 2.53 6.48 -1.87
C GLU A 14 1.80 5.75 -0.76
N ILE A 15 1.55 4.47 -0.96
CA ILE A 15 0.86 3.67 0.05
C ILE A 15 1.88 3.01 0.98
N CYS A 16 1.41 2.20 1.90
CA CYS A 16 2.29 1.52 2.86
C CYS A 16 3.13 0.45 2.16
N GLY A 1 -1.85 2.84 8.73
CA GLY A 1 -1.27 2.48 7.43
C GLY A 1 -2.28 1.87 6.49
N ABA A 2 -1.81 1.03 5.59
CA ABA A 2 -2.65 0.39 4.62
C ABA A 2 -2.09 -0.96 4.26
O ABA A 2 -2.56 -1.61 3.33
CB ABA A 2 -2.68 1.20 3.33
CG ABA A 2 -1.77 0.54 2.39
H ABA A 2 -0.85 0.85 5.57
HA ABA A 2 -3.65 0.31 5.00
HB3 ABA A 2 -3.67 1.22 2.95
HB2 ABA A 2 -2.33 2.20 3.52
N CYS A 3 -1.07 -1.40 4.97
CA CYS A 3 -0.37 -2.63 4.65
C CYS A 3 -1.26 -3.85 4.79
N SER A 4 -2.18 -3.74 5.70
CA SER A 4 -3.15 -4.80 5.92
C SER A 4 -4.17 -4.85 4.78
N ASP A 5 -4.25 -3.77 4.01
CA ASP A 5 -5.22 -3.67 2.93
C ASP A 5 -4.52 -3.83 1.58
N PRO A 6 -5.22 -4.35 0.57
CA PRO A 6 -4.65 -4.56 -0.78
C PRO A 6 -4.48 -3.26 -1.57
N ARG A 7 -4.59 -2.12 -0.89
CA ARG A 7 -4.42 -0.83 -1.52
C ARG A 7 -2.94 -0.48 -1.63
N ABA A 8 -2.16 -0.94 -0.68
CA ABA A 8 -0.74 -0.72 -0.68
C ABA A 8 -0.07 -1.77 -1.56
O ABA A 8 -0.53 -2.91 -1.62
CB ABA A 8 -0.18 -0.80 0.74
CG ABA A 8 -1.05 -0.06 1.64
H ABA A 8 -2.54 -1.46 0.05
HA ABA A 8 -0.55 0.26 -1.11
HB3 ABA A 8 -0.12 -1.83 1.02
HB2 ABA A 8 0.81 -0.37 0.76
N ASN A 9 0.99 -1.39 -2.22
CA ASN A 9 1.70 -2.28 -3.08
C ASN A 9 3.08 -1.70 -3.36
N TYR A 10 3.79 -2.34 -4.22
CA TYR A 10 5.12 -1.92 -4.60
C TYR A 10 5.04 -0.99 -5.79
N ASP A 11 3.92 -1.09 -6.49
CA ASP A 11 3.63 -0.24 -7.63
C ASP A 11 3.00 1.08 -7.18
N HIS A 12 2.74 1.18 -5.88
CA HIS A 12 2.15 2.35 -5.30
C HIS A 12 2.98 2.80 -4.11
N PRO A 13 3.95 3.68 -4.37
CA PRO A 13 4.88 4.17 -3.34
C PRO A 13 4.26 5.17 -2.37
N GLU A 14 3.05 5.60 -2.67
CA GLU A 14 2.36 6.59 -1.85
C GLU A 14 1.57 5.94 -0.72
N ILE A 15 1.38 4.64 -0.81
CA ILE A 15 0.62 3.92 0.20
C ILE A 15 1.57 3.38 1.28
N CYS A 16 1.16 2.33 1.98
CA CYS A 16 1.99 1.74 3.02
C CYS A 16 3.20 1.04 2.40
N GLY A 1 -2.02 1.87 9.30
CA GLY A 1 -1.66 2.10 7.88
C GLY A 1 -2.55 1.31 6.94
N ABA A 2 -2.20 1.28 5.67
CA ABA A 2 -2.98 0.56 4.68
C ABA A 2 -2.34 -0.77 4.46
O ABA A 2 -2.74 -1.52 3.60
CB ABA A 2 -2.94 1.29 3.33
CG ABA A 2 -1.97 0.58 2.49
H ABA A 2 -1.37 1.72 5.38
HA ABA A 2 -4.00 0.46 5.01
HB3 ABA A 2 -3.92 1.27 2.88
HB2 ABA A 2 -2.62 2.31 3.48
N CYS A 3 -1.34 -1.05 5.27
CA CYS A 3 -0.48 -2.17 5.05
C CYS A 3 -1.27 -3.51 4.98
N SER A 4 -2.33 -3.57 5.74
CA SER A 4 -3.18 -4.76 5.78
C SER A 4 -4.15 -4.85 4.58
N ASP A 5 -4.21 -3.80 3.78
CA ASP A 5 -5.14 -3.74 2.65
C ASP A 5 -4.38 -3.69 1.32
N PRO A 6 -4.94 -4.34 0.28
CA PRO A 6 -4.34 -4.43 -1.07
C PRO A 6 -4.14 -3.07 -1.78
N ARG A 7 -4.42 -1.95 -1.10
CA ARG A 7 -4.19 -0.64 -1.67
C ARG A 7 -2.71 -0.35 -1.65
N ABA A 8 -2.05 -0.83 -0.62
CA ABA A 8 -0.64 -0.70 -0.49
C ABA A 8 0.02 -1.79 -1.29
O ABA A 8 -0.36 -2.96 -1.21
CB ABA A 8 -0.23 -0.78 0.96
CG ABA A 8 -1.19 -0.04 1.79
H ABA A 8 -2.55 -1.30 0.08
HA ABA A 8 -0.36 0.26 -0.89
HB3 ABA A 8 -0.20 -1.82 1.27
HB2 ABA A 8 0.75 -0.35 1.05
N ASN A 9 1.01 -1.42 -2.05
CA ASN A 9 1.68 -2.32 -2.91
C ASN A 9 2.99 -1.70 -3.34
N TYR A 10 3.72 -2.42 -4.14
CA TYR A 10 5.02 -1.97 -4.61
C TYR A 10 4.82 -1.11 -5.84
N ASP A 11 3.64 -1.21 -6.39
CA ASP A 11 3.25 -0.42 -7.53
C ASP A 11 2.68 0.92 -7.09
N HIS A 12 2.55 1.09 -5.77
CA HIS A 12 2.02 2.33 -5.21
C HIS A 12 2.94 2.87 -4.13
N PRO A 13 3.90 3.72 -4.52
CA PRO A 13 4.85 4.33 -3.59
C PRO A 13 4.20 5.41 -2.70
N GLU A 14 2.89 5.56 -2.85
CA GLU A 14 2.13 6.52 -2.07
C GLU A 14 1.57 5.88 -0.81
N ILE A 15 1.55 4.55 -0.80
CA ILE A 15 0.97 3.82 0.31
C ILE A 15 2.05 3.26 1.23
N CYS A 16 1.76 2.13 1.87
CA CYS A 16 2.69 1.49 2.80
C CYS A 16 3.93 1.02 2.06
N GLY A 1 -1.77 3.69 7.74
CA GLY A 1 -1.08 2.59 7.04
C GLY A 1 -2.07 1.59 6.48
N ABA A 2 -1.97 1.32 5.20
CA ABA A 2 -2.90 0.42 4.53
C ABA A 2 -2.20 -0.90 4.30
O ABA A 2 -2.62 -1.67 3.46
CB ABA A 2 -3.27 0.99 3.17
CG ABA A 2 -2.30 0.48 2.20
H ABA A 2 -1.22 1.67 4.67
HA ABA A 2 -3.77 0.28 5.14
HB3 ABA A 2 -4.26 0.65 2.91
HB2 ABA A 2 -3.24 2.07 3.19
N CYS A 3 -1.16 -1.15 5.06
CA CYS A 3 -0.32 -2.31 4.84
C CYS A 3 -1.08 -3.62 4.89
N SER A 4 -1.99 -3.72 5.81
CA SER A 4 -2.80 -4.92 5.97
C SER A 4 -3.94 -5.02 4.95
N ASP A 5 -4.04 -4.02 4.06
CA ASP A 5 -5.11 -4.01 3.06
C ASP A 5 -4.52 -3.99 1.65
N PRO A 6 -5.21 -4.61 0.69
CA PRO A 6 -4.73 -4.72 -0.72
C PRO A 6 -4.73 -3.38 -1.50
N ARG A 7 -4.85 -2.27 -0.79
CA ARG A 7 -4.82 -0.96 -1.42
C ARG A 7 -3.37 -0.54 -1.70
N ABA A 8 -2.51 -0.92 -0.81
CA ABA A 8 -1.12 -0.61 -0.90
C ABA A 8 -0.40 -1.66 -1.75
O ABA A 8 -0.80 -2.83 -1.77
CB ABA A 8 -0.53 -0.56 0.51
CG ABA A 8 -1.50 0.01 1.44
H ABA A 8 -2.81 -1.44 -0.05
HA ABA A 8 -1.01 0.35 -1.38
HB3 ABA A 8 -0.29 -1.56 0.81
HB2 ABA A 8 0.38 0.04 0.50
N ASN A 9 0.65 -1.25 -2.43
CA ASN A 9 1.40 -2.12 -3.26
C ASN A 9 2.79 -1.50 -3.47
N TYR A 10 3.64 -2.22 -4.13
CA TYR A 10 5.00 -1.80 -4.37
C TYR A 10 5.06 -0.96 -5.64
N ASP A 11 3.96 -0.95 -6.34
CA ASP A 11 3.79 -0.14 -7.54
C ASP A 11 3.34 1.24 -7.13
N HIS A 12 2.91 1.34 -5.88
CA HIS A 12 2.40 2.57 -5.32
C HIS A 12 3.12 2.88 -4.02
N PRO A 13 4.25 3.56 -4.11
CA PRO A 13 5.06 3.91 -2.94
C PRO A 13 4.40 4.98 -2.07
N GLU A 14 3.30 5.53 -2.57
CA GLU A 14 2.56 6.55 -1.85
C GLU A 14 1.66 5.90 -0.81
N ILE A 15 1.43 4.60 -0.93
CA ILE A 15 0.66 3.87 0.04
C ILE A 15 1.62 3.23 1.03
N CYS A 16 1.14 2.31 1.85
CA CYS A 16 1.99 1.66 2.83
C CYS A 16 2.96 0.72 2.13
N GLY A 1 -1.88 3.83 7.72
CA GLY A 1 -1.42 2.47 7.40
C GLY A 1 -2.38 1.76 6.47
N ABA A 2 -1.84 1.01 5.53
CA ABA A 2 -2.67 0.31 4.57
C ABA A 2 -2.03 -1.01 4.23
O ABA A 2 -2.47 -1.68 3.32
CB ABA A 2 -2.79 1.13 3.30
CG ABA A 2 -1.88 0.54 2.31
H ABA A 2 -0.88 0.93 5.44
HA ABA A 2 -3.65 0.16 4.99
HB3 ABA A 2 -3.80 1.09 2.94
HB2 ABA A 2 -2.50 2.15 3.48
N CYS A 3 -1.01 -1.37 4.96
CA CYS A 3 -0.26 -2.59 4.69
C CYS A 3 -1.14 -3.82 4.84
N SER A 4 -2.07 -3.72 5.75
CA SER A 4 -3.02 -4.78 6.03
C SER A 4 -4.12 -4.86 4.95
N ASP A 5 -4.09 -3.93 4.00
CA ASP A 5 -5.12 -3.85 2.97
C ASP A 5 -4.50 -3.80 1.57
N PRO A 6 -5.11 -4.50 0.59
CA PRO A 6 -4.61 -4.55 -0.80
C PRO A 6 -4.61 -3.20 -1.55
N ARG A 7 -4.71 -2.10 -0.82
CA ARG A 7 -4.64 -0.78 -1.42
C ARG A 7 -3.18 -0.40 -1.63
N ABA A 8 -2.32 -0.84 -0.73
CA ABA A 8 -0.91 -0.61 -0.84
C ABA A 8 -0.27 -1.69 -1.70
O ABA A 8 -0.78 -2.81 -1.76
CB ABA A 8 -0.27 -0.62 0.54
CG ABA A 8 -1.16 0.02 1.51
H ABA A 8 -2.66 -1.36 0.03
HA ABA A 8 -0.76 0.35 -1.30
HB3 ABA A 8 -0.09 -1.64 0.85
HB2 ABA A 8 0.67 -0.08 0.51
N ASN A 9 0.82 -1.36 -2.35
CA ASN A 9 1.53 -2.29 -3.15
C ASN A 9 2.92 -1.75 -3.41
N TYR A 10 3.68 -2.47 -4.18
CA TYR A 10 5.03 -2.11 -4.50
C TYR A 10 5.03 -1.21 -5.72
N ASP A 11 3.88 -1.15 -6.32
CA ASP A 11 3.64 -0.32 -7.50
C ASP A 11 3.21 1.08 -7.09
N HIS A 12 2.89 1.23 -5.81
CA HIS A 12 2.35 2.48 -5.29
C HIS A 12 3.13 2.93 -4.07
N PRO A 13 4.13 3.78 -4.29
CA PRO A 13 5.01 4.29 -3.23
C PRO A 13 4.30 5.29 -2.29
N GLU A 14 3.12 5.75 -2.68
CA GLU A 14 2.37 6.70 -1.84
C GLU A 14 1.63 5.99 -0.72
N ILE A 15 1.36 4.71 -0.91
CA ILE A 15 0.64 3.94 0.09
C ILE A 15 1.63 3.35 1.11
N CYS A 16 1.21 2.30 1.81
CA CYS A 16 2.06 1.69 2.84
C CYS A 16 3.24 0.97 2.19
N GLY A 1 -1.77 2.86 8.54
CA GLY A 1 -1.05 2.35 7.36
C GLY A 1 -2.01 1.83 6.32
N ABA A 2 -1.52 1.04 5.39
CA ABA A 2 -2.34 0.46 4.37
C ABA A 2 -1.76 -0.87 3.96
O ABA A 2 -2.16 -1.44 2.97
CB ABA A 2 -2.37 1.36 3.14
CG ABA A 2 -1.62 0.68 2.10
H ABA A 2 -0.56 0.86 5.36
HA ABA A 2 -3.35 0.34 4.75
HB3 ABA A 2 -3.39 1.47 2.82
HB2 ABA A 2 -1.93 2.32 3.36
N CYS A 3 -0.81 -1.36 4.72
CA CYS A 3 -0.15 -2.59 4.39
C CYS A 3 -1.07 -3.77 4.69
N SER A 4 -1.93 -3.57 5.66
CA SER A 4 -2.91 -4.56 6.06
C SER A 4 -4.00 -4.72 4.99
N ASP A 5 -4.17 -3.68 4.20
CA ASP A 5 -5.21 -3.66 3.17
C ASP A 5 -4.57 -3.68 1.79
N PRO A 6 -5.06 -4.55 0.89
CA PRO A 6 -4.47 -4.72 -0.46
C PRO A 6 -4.57 -3.49 -1.39
N ARG A 7 -4.68 -2.28 -0.83
CA ARG A 7 -4.68 -1.10 -1.63
C ARG A 7 -3.26 -0.64 -1.89
N ABA A 8 -2.38 -0.91 -0.95
CA ABA A 8 -0.96 -0.61 -1.11
C ABA A 8 -0.31 -1.68 -1.98
O ABA A 8 -0.78 -2.81 -2.04
CB ABA A 8 -0.23 -0.57 0.23
CG ABA A 8 -0.99 0.12 1.25
H ABA A 8 -2.71 -1.29 -0.11
HA ABA A 8 -0.86 0.35 -1.60
HB3 ABA A 8 -0.05 -1.59 0.54
HB2 ABA A 8 0.72 -0.07 0.08
N ASN A 9 0.79 -1.33 -2.64
CA ASN A 9 1.52 -2.24 -3.48
C ASN A 9 2.91 -1.70 -3.67
N TYR A 10 3.68 -2.36 -4.48
CA TYR A 10 5.06 -1.97 -4.74
C TYR A 10 5.11 -1.00 -5.88
N ASP A 11 4.00 -0.91 -6.59
CA ASP A 11 3.85 0.05 -7.68
C ASP A 11 3.36 1.36 -7.10
N HIS A 12 2.86 1.27 -5.88
CA HIS A 12 2.32 2.43 -5.18
C HIS A 12 2.95 2.56 -3.81
N PRO A 13 4.12 3.17 -3.73
CA PRO A 13 4.86 3.35 -2.47
C PRO A 13 4.31 4.54 -1.69
N GLU A 14 3.30 5.17 -2.24
CA GLU A 14 2.69 6.34 -1.63
C GLU A 14 1.55 5.93 -0.71
N ILE A 15 1.18 4.67 -0.77
CA ILE A 15 0.06 4.18 0.00
C ILE A 15 0.49 3.85 1.46
N CYS A 16 1.00 2.65 1.69
CA CYS A 16 1.45 2.28 3.04
C CYS A 16 2.85 2.81 3.30
N GLY A 1 -2.02 2.24 9.01
CA GLY A 1 -1.91 2.47 7.56
C GLY A 1 -2.77 1.53 6.77
N ABA A 2 -2.58 1.51 5.45
CA ABA A 2 -3.36 0.66 4.57
C ABA A 2 -2.60 -0.61 4.34
O ABA A 2 -2.98 -1.43 3.53
CB ABA A 2 -3.49 1.32 3.20
CG ABA A 2 -2.41 0.75 2.39
H ABA A 2 -1.84 2.04 5.06
HA ABA A 2 -4.33 0.47 4.99
HB3 ABA A 2 -4.45 1.08 2.77
HB2 ABA A 2 -3.37 2.39 3.28
N CYS A 3 -1.52 -0.78 5.09
CA CYS A 3 -0.55 -1.81 4.81
C CYS A 3 -1.15 -3.22 4.78
N SER A 4 -2.14 -3.44 5.61
CA SER A 4 -2.83 -4.73 5.68
C SER A 4 -3.75 -4.97 4.48
N ASP A 5 -4.06 -3.91 3.75
CA ASP A 5 -4.97 -3.99 2.63
C ASP A 5 -4.20 -3.90 1.31
N PRO A 6 -4.66 -4.63 0.29
CA PRO A 6 -4.02 -4.67 -1.05
C PRO A 6 -4.02 -3.34 -1.81
N ARG A 7 -4.41 -2.25 -1.14
CA ARG A 7 -4.34 -0.94 -1.74
C ARG A 7 -2.91 -0.45 -1.71
N ABA A 8 -2.23 -0.79 -0.64
CA ABA A 8 -0.84 -0.48 -0.49
C ABA A 8 -0.05 -1.59 -1.14
O ABA A 8 -0.32 -2.77 -0.92
CB ABA A 8 -0.47 -0.40 0.98
CG ABA A 8 -1.55 0.24 1.74
H ABA A 8 -2.68 -1.29 0.08
HA ABA A 8 -0.64 0.45 -0.98
HB3 ABA A 8 -0.31 -1.39 1.36
HB2 ABA A 8 0.44 0.18 1.08
N ASN A 9 0.92 -1.22 -1.94
CA ASN A 9 1.69 -2.17 -2.64
C ASN A 9 2.93 -1.51 -3.17
N TYR A 10 3.63 -2.21 -4.02
CA TYR A 10 4.85 -1.72 -4.62
C TYR A 10 4.52 -0.98 -5.89
N ASP A 11 3.27 -1.10 -6.26
CA ASP A 11 2.72 -0.42 -7.42
C ASP A 11 2.33 0.99 -7.01
N HIS A 12 2.24 1.20 -5.72
CA HIS A 12 1.85 2.47 -5.15
C HIS A 12 2.82 2.85 -4.03
N PRO A 13 3.90 3.55 -4.37
CA PRO A 13 4.95 3.95 -3.42
C PRO A 13 4.46 4.98 -2.40
N GLU A 14 3.28 5.53 -2.64
CA GLU A 14 2.69 6.51 -1.76
C GLU A 14 2.05 5.83 -0.55
N ILE A 15 1.82 4.53 -0.67
CA ILE A 15 1.23 3.76 0.39
C ILE A 15 2.30 2.89 1.06
N CYS A 16 1.90 2.01 1.95
CA CYS A 16 2.83 1.12 2.64
C CYS A 16 3.33 0.03 1.68
N GLY A 1 -0.55 3.80 7.67
CA GLY A 1 -0.21 2.57 6.93
C GLY A 1 -1.40 2.06 6.15
N ABA A 2 -1.19 1.03 5.34
CA ABA A 2 -2.26 0.46 4.55
C ABA A 2 -1.96 -0.99 4.22
O ABA A 2 -2.62 -1.59 3.40
CB ABA A 2 -2.38 1.21 3.23
CG ABA A 2 -1.68 0.44 2.21
H ABA A 2 -0.31 0.65 5.26
HA ABA A 2 -3.19 0.54 5.08
HB3 ABA A 2 -3.42 1.29 2.97
HB2 ABA A 2 -1.95 2.19 3.32
N CYS A 3 -0.95 -1.56 4.88
CA CYS A 3 -0.52 -2.92 4.58
C CYS A 3 -1.58 -3.92 4.96
N SER A 4 -2.39 -3.55 5.91
CA SER A 4 -3.51 -4.37 6.34
C SER A 4 -4.62 -4.40 5.28
N ASP A 5 -4.46 -3.59 4.24
CA ASP A 5 -5.43 -3.50 3.15
C ASP A 5 -4.77 -3.77 1.81
N PRO A 6 -5.46 -4.49 0.90
CA PRO A 6 -4.94 -4.82 -0.44
C PRO A 6 -4.84 -3.59 -1.38
N ARG A 7 -4.94 -2.40 -0.81
CA ARG A 7 -4.82 -1.18 -1.58
C ARG A 7 -3.36 -0.79 -1.80
N ABA A 8 -2.50 -1.22 -0.89
CA ABA A 8 -1.09 -0.93 -0.99
C ABA A 8 -0.39 -1.90 -1.93
O ABA A 8 -0.82 -3.04 -2.11
CB ABA A 8 -0.42 -1.05 0.38
CG ABA A 8 -1.12 -0.23 1.38
H ABA A 8 -2.84 -1.74 -0.13
HA ABA A 8 -0.97 0.07 -1.35
HB3 ABA A 8 -0.44 -2.07 0.71
HB2 ABA A 8 0.60 -0.71 0.30
N ASN A 9 0.69 -1.43 -2.54
CA ASN A 9 1.49 -2.20 -3.40
C ASN A 9 2.84 -1.51 -3.52
N TYR A 10 3.81 -2.18 -4.05
CA TYR A 10 5.16 -1.67 -4.11
C TYR A 10 5.35 -0.77 -5.31
N ASP A 11 4.38 -0.79 -6.20
CA ASP A 11 4.38 0.06 -7.38
C ASP A 11 3.74 1.40 -7.01
N HIS A 12 3.26 1.48 -5.79
CA HIS A 12 2.57 2.65 -5.29
C HIS A 12 3.19 3.12 -4.00
N PRO A 13 4.13 4.04 -4.08
CA PRO A 13 4.84 4.58 -2.93
C PRO A 13 3.96 5.50 -2.10
N GLU A 14 2.75 5.72 -2.58
CA GLU A 14 1.79 6.56 -1.90
C GLU A 14 1.05 5.77 -0.84
N ILE A 15 1.11 4.44 -0.94
CA ILE A 15 0.46 3.57 0.01
C ILE A 15 1.52 2.93 0.92
N CYS A 16 1.17 1.82 1.56
CA CYS A 16 2.09 1.13 2.46
C CYS A 16 3.22 0.49 1.65
N GLY A 1 -1.68 4.17 7.36
CA GLY A 1 -1.10 3.05 6.60
C GLY A 1 -2.17 2.26 5.90
N ABA A 2 -1.77 1.19 5.23
CA ABA A 2 -2.70 0.39 4.48
C ABA A 2 -2.12 -1.00 4.24
O ABA A 2 -2.61 -1.72 3.40
CB ABA A 2 -2.94 1.04 3.15
CG ABA A 2 -2.00 0.47 2.19
H ABA A 2 -0.83 0.94 5.24
HA ABA A 2 -3.63 0.33 5.02
HB3 ABA A 2 -3.96 0.84 2.85
HB2 ABA A 2 -2.79 2.13 3.23
N CYS A 3 -1.08 -1.35 4.97
CA CYS A 3 -0.38 -2.63 4.77
C CYS A 3 -1.31 -3.81 5.02
N SER A 4 -2.23 -3.62 5.91
CA SER A 4 -3.22 -4.62 6.26
C SER A 4 -4.28 -4.78 5.15
N ASP A 5 -4.19 -3.97 4.10
CA ASP A 5 -5.16 -4.01 3.02
C ASP A 5 -4.45 -4.07 1.67
N PRO A 6 -5.05 -4.70 0.65
CA PRO A 6 -4.43 -4.88 -0.67
C PRO A 6 -4.39 -3.60 -1.52
N ARG A 7 -4.63 -2.46 -0.91
CA ARG A 7 -4.59 -1.20 -1.60
C ARG A 7 -3.15 -0.72 -1.79
N ABA A 8 -2.29 -1.04 -0.84
CA ABA A 8 -0.89 -0.72 -0.93
C ABA A 8 -0.16 -1.80 -1.72
O ABA A 8 -0.53 -2.97 -1.68
CB ABA A 8 -0.25 -0.58 0.45
CG ABA A 8 -1.21 -0.01 1.40
H ABA A 8 -2.61 -1.52 -0.05
HA ABA A 8 -0.81 0.23 -1.46
HB3 ABA A 8 0.03 -1.56 0.80
HB2 ABA A 8 0.65 0.03 0.37
N ASN A 9 0.88 -1.40 -2.43
CA ASN A 9 1.65 -2.29 -3.24
C ASN A 9 2.98 -1.63 -3.56
N TYR A 10 3.72 -2.23 -4.45
CA TYR A 10 5.02 -1.72 -4.85
C TYR A 10 4.84 -0.76 -5.99
N ASP A 11 3.66 -0.79 -6.58
CA ASP A 11 3.30 0.09 -7.66
C ASP A 11 2.82 1.40 -7.10
N HIS A 12 2.59 1.42 -5.79
CA HIS A 12 2.13 2.61 -5.11
C HIS A 12 2.94 2.83 -3.84
N PRO A 13 4.12 3.45 -3.96
CA PRO A 13 5.01 3.69 -2.82
C PRO A 13 4.50 4.80 -1.91
N GLU A 14 3.41 5.44 -2.31
CA GLU A 14 2.82 6.51 -1.53
C GLU A 14 1.89 5.94 -0.47
N ILE A 15 1.44 4.70 -0.67
CA ILE A 15 0.60 4.03 0.30
C ILE A 15 1.50 3.44 1.40
N CYS A 16 1.13 2.31 1.95
CA CYS A 16 1.95 1.71 2.98
C CYS A 16 3.24 1.15 2.36
N GLY A 1 -1.35 3.68 7.85
CA GLY A 1 -0.85 3.02 6.62
C GLY A 1 -1.97 2.26 5.91
N ABA A 2 -1.60 1.18 5.24
CA ABA A 2 -2.56 0.37 4.51
C ABA A 2 -2.02 -1.04 4.33
O ABA A 2 -2.46 -1.76 3.45
CB ABA A 2 -2.80 0.97 3.15
CG ABA A 2 -1.92 0.32 2.18
H ABA A 2 -0.66 0.91 5.21
HA ABA A 2 -3.50 0.34 5.07
HB3 ABA A 2 -3.83 0.78 2.87
HB2 ABA A 2 -2.63 2.03 3.14
N CYS A 3 -1.09 -1.44 5.18
CA CYS A 3 -0.42 -2.73 5.02
C CYS A 3 -1.38 -3.91 5.20
N SER A 4 -2.36 -3.71 6.02
CA SER A 4 -3.37 -4.73 6.27
C SER A 4 -4.33 -4.85 5.07
N ASP A 5 -4.51 -3.76 4.34
CA ASP A 5 -5.44 -3.74 3.22
C ASP A 5 -4.69 -3.92 1.89
N PRO A 6 -5.31 -4.56 0.91
CA PRO A 6 -4.69 -4.83 -0.40
C PRO A 6 -4.62 -3.59 -1.31
N ARG A 7 -4.76 -2.39 -0.74
CA ARG A 7 -4.68 -1.16 -1.49
C ARG A 7 -3.23 -0.74 -1.74
N ABA A 8 -2.35 -1.16 -0.86
CA ABA A 8 -0.94 -0.85 -0.96
C ABA A 8 -0.23 -1.83 -1.90
O ABA A 8 -0.64 -2.99 -2.01
CB ABA A 8 -0.31 -0.91 0.44
CG ABA A 8 -1.19 -0.23 1.40
H ABA A 8 -2.65 -1.71 -0.10
HA ABA A 8 -0.84 0.16 -1.34
HB3 ABA A 8 -0.18 -1.95 0.71
HB2 ABA A 8 0.66 -0.43 0.43
N ASN A 9 0.79 -1.35 -2.56
CA ASN A 9 1.57 -2.14 -3.46
C ASN A 9 2.91 -1.45 -3.66
N TYR A 10 3.79 -2.09 -4.36
CA TYR A 10 5.13 -1.57 -4.57
C TYR A 10 5.16 -0.66 -5.78
N ASP A 11 4.10 -0.72 -6.56
CA ASP A 11 3.93 0.16 -7.70
C ASP A 11 3.31 1.47 -7.25
N HIS A 12 2.96 1.52 -5.97
CA HIS A 12 2.37 2.69 -5.37
C HIS A 12 3.11 3.04 -4.08
N PRO A 13 4.19 3.80 -4.19
CA PRO A 13 5.03 4.17 -3.03
C PRO A 13 4.33 5.17 -2.10
N GLU A 14 3.10 5.52 -2.45
CA GLU A 14 2.32 6.46 -1.66
C GLU A 14 1.48 5.73 -0.62
N ILE A 15 1.36 4.42 -0.77
CA ILE A 15 0.61 3.61 0.16
C ILE A 15 1.58 2.98 1.18
N CYS A 16 1.17 1.88 1.81
CA CYS A 16 2.03 1.24 2.81
C CYS A 16 3.23 0.57 2.15
N GLY A 1 -1.79 4.30 7.30
CA GLY A 1 -1.26 3.46 6.20
C GLY A 1 -2.29 2.46 5.70
N ABA A 2 -1.80 1.39 5.08
CA ABA A 2 -2.69 0.39 4.52
C ABA A 2 -1.97 -0.94 4.34
O ABA A 2 -2.34 -1.73 3.51
CB ABA A 2 -3.14 0.83 3.14
CG ABA A 2 -2.25 0.22 2.14
H ABA A 2 -0.86 1.26 4.98
HA ABA A 2 -3.55 0.27 5.16
HB3 ABA A 2 -4.14 0.48 2.99
HB2 ABA A 2 -3.10 1.91 3.07
N CYS A 3 -0.96 -1.20 5.15
CA CYS A 3 -0.14 -2.41 4.99
C CYS A 3 -0.96 -3.69 5.05
N SER A 4 -1.92 -3.71 5.92
CA SER A 4 -2.80 -4.86 6.08
C SER A 4 -3.85 -4.95 4.94
N ASP A 5 -4.03 -3.85 4.22
CA ASP A 5 -5.07 -3.78 3.20
C ASP A 5 -4.49 -3.88 1.78
N PRO A 6 -5.20 -4.58 0.89
CA PRO A 6 -4.77 -4.82 -0.49
C PRO A 6 -4.73 -3.58 -1.42
N ARG A 7 -5.04 -2.39 -0.91
CA ARG A 7 -4.96 -1.20 -1.73
C ARG A 7 -3.53 -0.68 -1.85
N ABA A 8 -2.66 -1.14 -0.95
CA ABA A 8 -1.26 -0.82 -1.01
C ABA A 8 -0.56 -1.78 -1.97
O ABA A 8 -1.00 -2.91 -2.16
CB ABA A 8 -0.66 -0.96 0.37
CG ABA A 8 -1.52 -0.31 1.35
H ABA A 8 -2.98 -1.69 -0.21
HA ABA A 8 -1.15 0.19 -1.36
HB3 ABA A 8 -0.56 -2.00 0.63
HB2 ABA A 8 0.32 -0.49 0.40
N ASN A 9 0.53 -1.31 -2.57
CA ASN A 9 1.28 -2.12 -3.48
C ASN A 9 2.66 -1.53 -3.60
N TYR A 10 3.51 -2.18 -4.34
CA TYR A 10 4.89 -1.77 -4.51
C TYR A 10 5.02 -0.83 -5.68
N ASP A 11 3.96 -0.76 -6.46
CA ASP A 11 3.86 0.18 -7.54
C ASP A 11 3.32 1.50 -7.04
N HIS A 12 2.96 1.53 -5.76
CA HIS A 12 2.43 2.72 -5.13
C HIS A 12 3.16 3.00 -3.84
N PRO A 13 4.24 3.78 -3.90
CA PRO A 13 5.05 4.15 -2.73
C PRO A 13 4.29 5.10 -1.81
N GLU A 14 3.12 5.52 -2.25
CA GLU A 14 2.26 6.40 -1.49
C GLU A 14 1.53 5.62 -0.42
N ILE A 15 1.43 4.30 -0.62
CA ILE A 15 0.78 3.43 0.31
C ILE A 15 1.85 2.62 1.05
N CYS A 16 1.45 1.84 2.03
CA CYS A 16 2.40 1.06 2.82
C CYS A 16 2.96 -0.10 2.01
N GLY A 1 -1.88 3.76 7.92
CA GLY A 1 -1.62 2.35 7.60
C GLY A 1 -2.42 1.87 6.42
N ABA A 2 -1.83 1.01 5.60
CA ABA A 2 -2.51 0.47 4.45
C ABA A 2 -1.93 -0.89 4.10
O ABA A 2 -2.29 -1.46 3.08
CB ABA A 2 -2.33 1.39 3.25
CG ABA A 2 -1.56 0.69 2.24
H ABA A 2 -0.90 0.74 5.76
HA ABA A 2 -3.56 0.38 4.68
HB3 ABA A 2 -3.30 1.62 2.86
HB2 ABA A 2 -1.82 2.30 3.55
N CYS A 3 -1.06 -1.41 4.93
CA CYS A 3 -0.42 -2.67 4.64
C CYS A 3 -1.33 -3.85 4.92
N SER A 4 -2.24 -3.65 5.83
CA SER A 4 -3.23 -4.67 6.19
C SER A 4 -4.21 -4.89 5.03
N ASP A 5 -4.53 -3.82 4.33
CA ASP A 5 -5.46 -3.87 3.21
C ASP A 5 -4.70 -3.89 1.90
N PRO A 6 -5.18 -4.66 0.90
CA PRO A 6 -4.51 -4.76 -0.41
C PRO A 6 -4.56 -3.46 -1.25
N ARG A 7 -4.63 -2.31 -0.58
CA ARG A 7 -4.63 -1.04 -1.27
C ARG A 7 -3.21 -0.62 -1.60
N ABA A 8 -2.30 -0.92 -0.69
CA ABA A 8 -0.89 -0.62 -0.91
C ABA A 8 -0.27 -1.68 -1.81
O ABA A 8 -0.74 -2.82 -1.87
CB ABA A 8 -0.13 -0.61 0.41
CG ABA A 8 -0.90 0.11 1.41
H ABA A 8 -2.58 -1.32 0.15
HA ABA A 8 -0.81 0.34 -1.38
HB3 ABA A 8 0.02 -1.62 0.75
HB2 ABA A 8 0.82 -0.12 0.27
N ASN A 9 0.78 -1.31 -2.51
CA ASN A 9 1.48 -2.20 -3.36
C ASN A 9 2.87 -1.63 -3.61
N TYR A 10 3.65 -2.32 -4.39
CA TYR A 10 5.01 -1.93 -4.66
C TYR A 10 5.08 -0.97 -5.83
N ASP A 11 3.99 -0.91 -6.56
CA ASP A 11 3.88 -0.01 -7.69
C ASP A 11 3.41 1.35 -7.23
N HIS A 12 3.02 1.41 -5.97
CA HIS A 12 2.48 2.63 -5.39
C HIS A 12 3.21 2.97 -4.10
N PRO A 13 4.28 3.75 -4.21
CA PRO A 13 5.08 4.18 -3.05
C PRO A 13 4.34 5.19 -2.19
N GLU A 14 3.22 5.67 -2.72
CA GLU A 14 2.39 6.65 -2.02
C GLU A 14 1.62 5.98 -0.89
N ILE A 15 1.48 4.67 -0.99
CA ILE A 15 0.75 3.91 0.01
C ILE A 15 1.73 3.30 1.02
N CYS A 16 1.33 2.24 1.69
CA CYS A 16 2.18 1.57 2.67
C CYS A 16 3.34 0.85 1.97
N GLY A 1 -3.00 3.35 8.35
CA GLY A 1 -2.05 2.52 7.56
C GLY A 1 -2.72 1.91 6.36
N ABA A 2 -1.99 1.06 5.64
CA ABA A 2 -2.54 0.39 4.48
C ABA A 2 -1.85 -0.93 4.23
O ABA A 2 -2.12 -1.60 3.25
CB ABA A 2 -2.38 1.27 3.25
CG ABA A 2 -1.65 0.51 2.23
H ABA A 2 -1.06 0.88 5.88
HA ABA A 2 -3.59 0.22 4.64
HB3 ABA A 2 -3.35 1.55 2.89
HB2 ABA A 2 -1.83 2.16 3.50
N CYS A 3 -0.97 -1.32 5.13
CA CYS A 3 -0.21 -2.54 4.94
C CYS A 3 -1.09 -3.75 5.13
N SER A 4 -1.99 -3.63 6.05
CA SER A 4 -2.97 -4.65 6.34
C SER A 4 -4.13 -4.62 5.31
N ASP A 5 -3.93 -3.91 4.23
CA ASP A 5 -4.97 -3.74 3.22
C ASP A 5 -4.39 -3.93 1.81
N PRO A 6 -5.19 -4.47 0.89
CA PRO A 6 -4.79 -4.72 -0.51
C PRO A 6 -4.64 -3.43 -1.36
N ARG A 7 -4.88 -2.27 -0.75
CA ARG A 7 -4.78 -1.01 -1.48
C ARG A 7 -3.32 -0.58 -1.67
N ABA A 8 -2.43 -1.08 -0.83
CA ABA A 8 -1.02 -0.81 -0.95
C ABA A 8 -0.36 -1.80 -1.91
O ABA A 8 -0.73 -2.97 -1.96
CB ABA A 8 -0.34 -0.91 0.40
CG ABA A 8 -1.07 -0.13 1.40
H ABA A 8 -2.74 -1.64 -0.10
HA ABA A 8 -0.90 0.19 -1.34
HB3 ABA A 8 -0.31 -1.95 0.71
HB2 ABA A 8 0.68 -0.54 0.32
N ASN A 9 0.61 -1.32 -2.64
CA ASN A 9 1.36 -2.12 -3.54
C ASN A 9 2.70 -1.45 -3.77
N TYR A 10 3.60 -2.15 -4.39
CA TYR A 10 4.95 -1.67 -4.58
C TYR A 10 5.04 -0.84 -5.84
N ASP A 11 3.99 -0.84 -6.60
CA ASP A 11 3.88 0.02 -7.76
C ASP A 11 3.39 1.39 -7.31
N HIS A 12 3.03 1.48 -6.04
CA HIS A 12 2.55 2.71 -5.45
C HIS A 12 3.27 3.00 -4.15
N PRO A 13 4.39 3.73 -4.24
CA PRO A 13 5.20 4.09 -3.07
C PRO A 13 4.45 5.06 -2.15
N GLU A 14 3.32 5.55 -2.63
CA GLU A 14 2.49 6.46 -1.88
C GLU A 14 1.63 5.73 -0.86
N ILE A 15 1.48 4.42 -1.01
CA ILE A 15 0.73 3.64 -0.03
C ILE A 15 1.71 3.03 0.97
N CYS A 16 1.28 2.03 1.72
CA CYS A 16 2.16 1.41 2.71
C CYS A 16 3.22 0.56 2.02
N GLY A 1 -2.06 1.53 9.24
CA GLY A 1 -1.88 2.05 7.86
C GLY A 1 -2.64 1.25 6.85
N ABA A 2 -2.20 1.26 5.60
CA ABA A 2 -2.91 0.59 4.55
C ABA A 2 -2.29 -0.74 4.32
O ABA A 2 -2.73 -1.49 3.47
CB ABA A 2 -2.85 1.38 3.23
CG ABA A 2 -1.89 0.72 2.37
H ABA A 2 -1.33 1.66 5.38
HA ABA A 2 -3.95 0.48 4.85
HB3 ABA A 2 -3.81 1.41 2.77
HB2 ABA A 2 -2.52 2.38 3.44
N CYS A 3 -1.25 -1.04 5.08
CA CYS A 3 -0.47 -2.23 4.88
C CYS A 3 -1.33 -3.49 4.98
N SER A 4 -2.32 -3.43 5.81
CA SER A 4 -3.24 -4.54 6.06
C SER A 4 -4.19 -4.78 4.87
N ASP A 5 -4.18 -3.88 3.91
CA ASP A 5 -5.07 -3.99 2.76
C ASP A 5 -4.26 -3.93 1.46
N PRO A 6 -4.70 -4.67 0.44
CA PRO A 6 -4.03 -4.72 -0.87
C PRO A 6 -4.01 -3.39 -1.66
N ARG A 7 -4.31 -2.28 -0.98
CA ARG A 7 -4.25 -0.98 -1.60
C ARG A 7 -2.81 -0.53 -1.68
N ABA A 8 -2.05 -0.85 -0.66
CA ABA A 8 -0.65 -0.56 -0.64
C ABA A 8 0.07 -1.64 -1.40
O ABA A 8 -0.25 -2.83 -1.26
CB ABA A 8 -0.13 -0.55 0.80
CG ABA A 8 -1.10 0.15 1.65
H ABA A 8 -2.45 -1.32 0.10
HA ABA A 8 -0.48 0.40 -1.10
HB3 ABA A 8 0.01 -1.56 1.15
HB2 ABA A 8 0.82 -0.03 0.84
N ASN A 9 1.00 -1.26 -2.24
CA ASN A 9 1.70 -2.19 -3.05
C ASN A 9 2.98 -1.56 -3.55
N TYR A 10 3.68 -2.26 -4.38
CA TYR A 10 4.94 -1.78 -4.91
C TYR A 10 4.69 -0.97 -6.15
N ASP A 11 3.45 -1.03 -6.61
CA ASP A 11 2.99 -0.26 -7.76
C ASP A 11 2.57 1.11 -7.28
N HIS A 12 2.35 1.22 -5.99
CA HIS A 12 1.93 2.46 -5.34
C HIS A 12 2.87 2.76 -4.18
N PRO A 13 4.00 3.40 -4.48
CA PRO A 13 5.04 3.69 -3.46
C PRO A 13 4.60 4.70 -2.40
N GLU A 14 3.52 5.43 -2.68
CA GLU A 14 3.05 6.47 -1.77
C GLU A 14 2.10 5.94 -0.69
N ILE A 15 1.69 4.68 -0.81
CA ILE A 15 0.84 4.08 0.20
C ILE A 15 1.72 3.53 1.33
N CYS A 16 1.25 2.52 2.02
CA CYS A 16 2.01 1.93 3.11
C CYS A 16 3.21 1.17 2.55
#